data_9GUC
#
_entry.id   9GUC
#
_cell.length_a   88.92
_cell.length_b   88.92
_cell.length_c   100.05
_cell.angle_alpha   90
_cell.angle_beta   90
_cell.angle_gamma   120
#
_symmetry.space_group_name_H-M   'P 31 2 1'
#
loop_
_entity.id
_entity.type
_entity.pdbx_description
1 polymer 'Aurora kinase A'
2 polymer 'Affimer (JR-Aff7)'
3 non-polymer "ADENOSINE-5'-DIPHOSPHATE"
4 non-polymer '4-(2-HYDROXYETHYL)-1-PIPERAZINE ETHANESULFONIC ACID'
5 non-polymer 'ADENOSINE MONOPHOSPHATE'
6 non-polymer 'MAGNESIUM ION'
7 water water
#
loop_
_entity_poly.entity_id
_entity_poly.type
_entity_poly.pdbx_seq_one_letter_code
_entity_poly.pdbx_strand_id
1 'polypeptide(L)'
;GAMESKKRQWALEDFEIGRPLGKGKFGNVYLAREKQSKFILALKVLFKAQLEKAGVEHQLRREVEIQSHLRHPNILRLYG
YFHDATRVYLILEYAPLGTVYRELQKLSKFDEQRTATYITELANALSYCHSKRVIHRDIKPENLLLGSAGELKIADFGWS
VHAPSSRRTTLAGTLDYLPPEMIEGRMHDEKVDLWSLGVLCYEFLVGKPPFEANTYQETYKRISRVEFTFPDFVTEGARD
LISRLLKHNPSQRPMLREVLEHPWITANSSKPSNAQNKESASKQS
;
A
2 'polypeptide(L)'
;MASNSLEIEELARFAVDEHNKKENALLEFVRVVKAKEQMFQWRVEFITMYYLTLEAKDGGKKKLYEAKVWVKAAENFKEL
QEFKPVGDAAAAHHHHHHHH
;
B
#
# COMPACT_ATOMS: atom_id res chain seq x y z
N LYS A 6 -2.11 12.96 -29.46
CA LYS A 6 -2.33 14.08 -30.43
C LYS A 6 -1.05 14.92 -30.54
N LYS A 7 -0.64 15.53 -29.41
CA LYS A 7 0.33 16.62 -29.40
C LYS A 7 1.75 16.06 -29.43
N ARG A 8 2.50 16.51 -30.46
CA ARG A 8 3.86 16.06 -30.75
C ARG A 8 4.72 15.98 -29.48
N GLN A 9 4.58 16.95 -28.60
CA GLN A 9 5.51 17.16 -27.50
C GLN A 9 4.99 18.32 -26.66
N TRP A 10 5.41 18.37 -25.40
CA TRP A 10 4.91 19.32 -24.43
C TRP A 10 6.06 20.16 -23.92
N ALA A 11 5.76 21.37 -23.49
CA ALA A 11 6.75 22.25 -22.91
C ALA A 11 6.11 23.06 -21.79
N LEU A 12 6.95 23.61 -20.95
CA LEU A 12 6.47 24.41 -19.84
C LEU A 12 5.67 25.59 -20.39
N GLU A 13 6.01 26.09 -21.59
CA GLU A 13 5.39 27.28 -22.16
C GLU A 13 3.98 26.97 -22.63
N ASP A 14 3.58 25.70 -22.60
CA ASP A 14 2.20 25.35 -22.96
C ASP A 14 1.21 25.63 -21.83
N PHE A 15 1.70 26.01 -20.64
CA PHE A 15 0.87 26.03 -19.44
C PHE A 15 1.00 27.38 -18.73
N GLU A 16 -0.14 27.94 -18.34
CA GLU A 16 -0.17 28.91 -17.27
C GLU A 16 -0.11 28.13 -15.96
N ILE A 17 0.63 28.66 -14.98
CA ILE A 17 0.74 28.00 -13.70
C ILE A 17 0.00 28.82 -12.65
N GLY A 18 -0.65 28.14 -11.71
CA GLY A 18 -1.29 28.78 -10.58
C GLY A 18 -0.66 28.38 -9.25
N ARG A 19 -1.50 28.12 -8.26
CA ARG A 19 -1.01 27.93 -6.89
C ARG A 19 -0.44 26.54 -6.71
N PRO A 20 0.46 26.35 -5.73
CA PRO A 20 0.86 25.01 -5.31
C PRO A 20 -0.37 24.27 -4.78
N LEU A 21 -0.53 23.01 -5.22
CA LEU A 21 -1.58 22.12 -4.76
C LEU A 21 -1.07 21.22 -3.63
N GLY A 22 0.24 21.10 -3.53
CA GLY A 22 0.82 20.19 -2.56
C GLY A 22 2.32 20.09 -2.76
N LYS A 23 2.99 19.69 -1.67
CA LYS A 23 4.39 19.33 -1.68
C LYS A 23 4.46 17.81 -1.61
N GLY A 24 5.05 17.19 -2.64
CA GLY A 24 5.36 15.76 -2.61
C GLY A 24 6.77 15.51 -2.06
N LYS A 25 7.23 14.25 -2.15
CA LYS A 25 8.57 13.91 -1.69
C LYS A 25 9.62 14.65 -2.54
N PHE A 26 9.46 14.64 -3.87
CA PHE A 26 10.55 15.00 -4.76
C PHE A 26 10.29 16.32 -5.52
N GLY A 27 9.28 17.08 -5.11
CA GLY A 27 9.04 18.39 -5.68
C GLY A 27 7.62 18.80 -5.34
N ASN A 28 7.04 19.71 -6.13
CA ASN A 28 5.71 20.25 -5.82
C ASN A 28 4.76 20.00 -6.99
N VAL A 29 3.46 20.05 -6.69
CA VAL A 29 2.39 19.95 -7.66
C VAL A 29 1.71 21.31 -7.72
N TYR A 30 1.45 21.78 -8.94
CA TYR A 30 0.86 23.09 -9.18
C TYR A 30 -0.42 22.96 -10.00
N LEU A 31 -1.35 23.88 -9.73
CA LEU A 31 -2.48 24.06 -10.61
C LEU A 31 -1.93 24.58 -11.93
N ALA A 32 -2.51 24.13 -13.02
CA ALA A 32 -2.04 24.59 -14.30
C ALA A 32 -3.19 24.62 -15.30
N ARG A 33 -2.95 25.31 -16.41
CA ARG A 33 -3.95 25.43 -17.43
C ARG A 33 -3.26 25.38 -18.78
N GLU A 34 -3.75 24.54 -19.68
CA GLU A 34 -3.17 24.49 -21.02
C GLU A 34 -3.68 25.73 -21.78
N LYS A 35 -2.79 26.46 -22.44
CA LYS A 35 -3.09 27.77 -23.01
C LYS A 35 -4.08 27.72 -24.19
N GLN A 36 -4.02 26.72 -25.06
CA GLN A 36 -4.89 26.74 -26.23
C GLN A 36 -6.31 26.39 -25.83
N SER A 37 -6.47 25.32 -25.06
CA SER A 37 -7.80 24.86 -24.64
C SER A 37 -8.30 25.60 -23.39
N LYS A 38 -7.37 26.09 -22.55
CA LYS A 38 -7.75 26.70 -21.28
C LYS A 38 -8.24 25.65 -20.31
N PHE A 39 -7.95 24.38 -20.59
CA PHE A 39 -8.32 23.29 -19.71
C PHE A 39 -7.42 23.27 -18.48
N ILE A 40 -8.04 23.06 -17.30
CA ILE A 40 -7.33 23.07 -16.03
C ILE A 40 -6.75 21.68 -15.75
N LEU A 41 -5.48 21.66 -15.35
CA LEU A 41 -4.69 20.45 -15.16
C LEU A 41 -3.86 20.68 -13.91
N ALA A 42 -3.04 19.68 -13.59
CA ALA A 42 -2.06 19.75 -12.53
C ALA A 42 -0.70 19.42 -13.13
N LEU A 43 0.31 20.16 -12.69
CA LEU A 43 1.66 19.92 -13.11
C LEU A 43 2.50 19.49 -11.91
N LYS A 44 3.03 18.27 -11.97
CA LYS A 44 3.86 17.76 -10.91
C LYS A 44 5.32 17.88 -11.34
N VAL A 45 6.11 18.61 -10.56
CA VAL A 45 7.51 18.87 -10.81
C VAL A 45 8.35 17.98 -9.87
N LEU A 46 9.21 17.13 -10.44
CA LEU A 46 10.09 16.26 -9.67
C LEU A 46 11.53 16.67 -9.92
N PHE A 47 12.28 16.86 -8.83
CA PHE A 47 13.68 17.26 -8.90
C PHE A 47 14.54 16.00 -9.08
N LYS A 48 15.28 15.97 -10.18
CA LYS A 48 16.02 14.77 -10.54
C LYS A 48 17.02 14.39 -9.45
N ALA A 49 17.63 15.41 -8.84
CA ALA A 49 18.65 15.19 -7.82
C ALA A 49 18.06 14.37 -6.66
N GLN A 50 16.90 14.78 -6.14
CA GLN A 50 16.30 14.06 -5.02
C GLN A 50 15.80 12.69 -5.46
N LEU A 51 15.60 12.48 -6.78
CA LEU A 51 15.19 11.20 -7.33
C LEU A 51 16.39 10.24 -7.36
N GLU A 52 17.57 10.73 -7.77
CA GLU A 52 18.81 9.97 -7.69
C GLU A 52 19.11 9.60 -6.24
N LYS A 53 19.08 10.63 -5.37
CA LYS A 53 19.44 10.54 -3.97
C LYS A 53 18.57 9.54 -3.20
N ALA A 54 17.51 9.02 -3.84
CA ALA A 54 16.73 7.94 -3.26
C ALA A 54 16.58 6.78 -4.23
N GLY A 55 17.28 6.86 -5.38
CA GLY A 55 17.18 5.85 -6.44
C GLY A 55 15.72 5.45 -6.73
N VAL A 56 14.83 6.45 -6.77
CA VAL A 56 13.43 6.21 -7.06
C VAL A 56 13.29 6.11 -8.58
N GLU A 57 14.32 6.60 -9.28
CA GLU A 57 14.27 6.82 -10.72
C GLU A 57 13.66 5.63 -11.46
N HIS A 58 14.11 4.43 -11.07
CA HIS A 58 13.69 3.20 -11.71
C HIS A 58 12.17 3.09 -11.67
N GLN A 59 11.58 3.46 -10.52
CA GLN A 59 10.15 3.37 -10.33
C GLN A 59 9.44 4.43 -11.16
N LEU A 60 9.96 5.67 -11.13
CA LEU A 60 9.38 6.75 -11.92
C LEU A 60 9.20 6.28 -13.36
N ARG A 61 10.28 5.73 -13.94
CA ARG A 61 10.22 5.20 -15.29
C ARG A 61 9.01 4.28 -15.43
N ARG A 62 8.86 3.34 -14.49
CA ARG A 62 7.82 2.33 -14.57
C ARG A 62 6.46 2.98 -14.34
N GLU A 63 6.36 3.86 -13.32
CA GLU A 63 5.15 4.63 -13.09
C GLU A 63 4.71 5.27 -14.41
N VAL A 64 5.58 6.13 -14.97
CA VAL A 64 5.22 6.93 -16.13
C VAL A 64 4.74 6.03 -17.27
N GLU A 65 5.44 4.92 -17.49
CA GLU A 65 5.10 4.03 -18.60
C GLU A 65 3.77 3.34 -18.35
N ILE A 66 3.52 2.84 -17.13
CA ILE A 66 2.23 2.24 -16.82
C ILE A 66 1.14 3.32 -16.91
N GLN A 67 1.26 4.38 -16.10
CA GLN A 67 0.19 5.37 -15.98
C GLN A 67 -0.09 6.03 -17.31
N SER A 68 0.92 6.07 -18.19
CA SER A 68 0.76 6.50 -19.57
C SER A 68 -0.32 5.71 -20.31
N HIS A 69 -0.37 4.40 -20.10
CA HIS A 69 -1.26 3.54 -20.88
C HIS A 69 -2.56 3.20 -20.15
N LEU A 70 -2.80 3.79 -18.96
CA LEU A 70 -4.05 3.55 -18.25
C LEU A 70 -5.05 4.64 -18.63
N ARG A 71 -6.24 4.21 -19.05
CA ARG A 71 -7.35 5.11 -19.36
C ARG A 71 -8.58 4.60 -18.63
N HIS A 72 -8.90 5.22 -17.49
CA HIS A 72 -10.03 4.78 -16.69
C HIS A 72 -10.57 5.98 -15.93
N PRO A 73 -11.92 6.11 -15.82
CA PRO A 73 -12.50 7.24 -15.09
C PRO A 73 -12.11 7.33 -13.60
N ASN A 74 -11.64 6.23 -13.01
CA ASN A 74 -11.30 6.23 -11.60
C ASN A 74 -9.80 6.10 -11.39
N ILE A 75 -9.04 6.36 -12.47
CA ILE A 75 -7.60 6.43 -12.36
C ILE A 75 -7.15 7.80 -12.87
N LEU A 76 -6.36 8.51 -12.09
CA LEU A 76 -5.91 9.84 -12.51
C LEU A 76 -5.11 9.75 -13.82
N ARG A 77 -5.53 10.51 -14.86
CA ARG A 77 -4.85 10.52 -16.15
C ARG A 77 -3.48 11.19 -16.03
N LEU A 78 -2.50 10.57 -16.70
CA LEU A 78 -1.22 11.20 -17.03
C LEU A 78 -1.31 11.56 -18.50
N TYR A 79 -1.47 12.86 -18.80
CA TYR A 79 -1.68 13.27 -20.17
C TYR A 79 -0.36 13.29 -20.92
N GLY A 80 0.75 13.54 -20.23
CA GLY A 80 2.03 13.69 -20.91
C GLY A 80 3.11 14.10 -19.93
N TYR A 81 4.31 14.32 -20.47
CA TYR A 81 5.46 14.60 -19.64
C TYR A 81 6.53 15.21 -20.51
N PHE A 82 7.49 15.85 -19.84
CA PHE A 82 8.66 16.47 -20.43
C PHE A 82 9.64 16.62 -19.28
N HIS A 83 10.91 16.91 -19.61
CA HIS A 83 11.94 17.09 -18.60
C HIS A 83 12.92 18.16 -19.02
N ASP A 84 13.71 18.63 -18.04
CA ASP A 84 14.87 19.51 -18.28
C ASP A 84 16.04 19.00 -17.45
N ALA A 85 17.05 19.85 -17.24
CA ALA A 85 18.31 19.40 -16.67
C ALA A 85 18.11 18.88 -15.25
N THR A 86 17.24 19.58 -14.50
CA THR A 86 17.07 19.37 -13.08
C THR A 86 15.70 18.79 -12.72
N ARG A 87 14.72 18.84 -13.66
CA ARG A 87 13.36 18.47 -13.34
C ARG A 87 12.69 17.56 -14.36
N VAL A 88 11.78 16.73 -13.85
CA VAL A 88 10.81 15.99 -14.64
C VAL A 88 9.45 16.64 -14.40
N TYR A 89 8.67 16.79 -15.48
CA TYR A 89 7.34 17.36 -15.36
C TYR A 89 6.29 16.36 -15.82
N LEU A 90 5.30 16.15 -14.93
CA LEU A 90 4.17 15.27 -15.20
C LEU A 90 2.93 16.12 -15.33
N ILE A 91 2.23 15.95 -16.46
CA ILE A 91 1.00 16.67 -16.75
C ILE A 91 -0.16 15.76 -16.39
N LEU A 92 -0.87 16.09 -15.31
CA LEU A 92 -1.86 15.21 -14.70
C LEU A 92 -3.24 15.83 -14.75
N GLU A 93 -4.23 14.96 -14.73
CA GLU A 93 -5.59 15.33 -14.39
C GLU A 93 -5.56 16.03 -13.04
N TYR A 94 -6.27 17.16 -12.96
CA TYR A 94 -6.48 17.86 -11.71
C TYR A 94 -7.67 17.24 -10.96
N ALA A 95 -7.46 16.98 -9.66
CA ALA A 95 -8.53 16.49 -8.81
C ALA A 95 -8.90 17.58 -7.81
N PRO A 96 -9.95 18.37 -8.06
CA PRO A 96 -10.17 19.57 -7.27
C PRO A 96 -10.57 19.34 -5.82
N LEU A 97 -11.08 18.14 -5.45
CA LEU A 97 -11.62 18.00 -4.10
C LEU A 97 -10.59 17.38 -3.18
N GLY A 98 -9.34 17.23 -3.63
CA GLY A 98 -8.26 16.84 -2.72
C GLY A 98 -8.21 15.32 -2.49
N THR A 99 -7.50 14.90 -1.45
CA THR A 99 -7.29 13.49 -1.12
C THR A 99 -8.42 12.99 -0.21
N VAL A 100 -8.67 11.68 -0.31
CA VAL A 100 -9.58 11.01 0.60
C VAL A 100 -9.01 11.07 2.02
N TYR A 101 -7.69 11.04 2.13
CA TYR A 101 -7.05 11.18 3.43
C TYR A 101 -7.56 12.42 4.15
N ARG A 102 -7.62 13.57 3.45
CA ARG A 102 -7.98 14.84 4.08
C ARG A 102 -9.46 14.86 4.40
N GLU A 103 -10.27 14.32 3.49
CA GLU A 103 -11.70 14.28 3.73
C GLU A 103 -12.02 13.42 4.97
N LEU A 104 -11.26 12.35 5.20
CA LEU A 104 -11.48 11.47 6.33
C LEU A 104 -11.04 12.13 7.63
N GLN A 105 -9.90 12.83 7.60
CA GLN A 105 -9.52 13.71 8.71
C GLN A 105 -10.59 14.76 9.00
N LYS A 106 -11.21 15.32 7.97
CA LYS A 106 -12.22 16.35 8.16
C LYS A 106 -13.48 15.75 8.78
N LEU A 107 -13.90 14.57 8.29
CA LEU A 107 -15.22 14.07 8.60
C LEU A 107 -15.15 13.00 9.70
N SER A 108 -13.95 12.52 10.00
CA SER A 108 -13.70 11.42 10.93
C SER A 108 -14.02 10.05 10.33
N LYS A 109 -15.20 9.95 9.73
CA LYS A 109 -15.58 8.70 9.06
C LYS A 109 -16.67 9.03 8.05
N PHE A 110 -16.89 8.10 7.11
CA PHE A 110 -17.84 8.27 6.03
C PHE A 110 -19.08 7.43 6.25
N ASP A 111 -20.23 7.95 5.80
CA ASP A 111 -21.46 7.17 5.83
C ASP A 111 -21.32 6.02 4.82
N GLU A 112 -22.31 5.14 4.87
CA GLU A 112 -22.36 3.93 4.06
C GLU A 112 -22.47 4.22 2.58
N GLN A 113 -23.18 5.30 2.21
CA GLN A 113 -23.34 5.63 0.79
C GLN A 113 -22.03 6.13 0.17
N ARG A 114 -21.33 7.02 0.88
CA ARG A 114 -20.07 7.51 0.37
C ARG A 114 -19.02 6.41 0.31
N THR A 115 -18.95 5.57 1.36
CA THR A 115 -18.03 4.44 1.38
C THR A 115 -18.29 3.48 0.20
N ALA A 116 -19.53 3.05 0.05
CA ALA A 116 -19.90 2.06 -0.94
C ALA A 116 -19.58 2.57 -2.35
N THR A 117 -19.81 3.87 -2.58
CA THR A 117 -19.44 4.56 -3.81
C THR A 117 -17.93 4.51 -4.06
N TYR A 118 -17.13 4.90 -3.05
CA TYR A 118 -15.69 4.80 -3.19
C TYR A 118 -15.26 3.37 -3.51
N ILE A 119 -15.85 2.38 -2.81
CA ILE A 119 -15.42 1.00 -2.99
C ILE A 119 -15.77 0.52 -4.41
N THR A 120 -16.94 0.87 -4.95
CA THR A 120 -17.33 0.58 -6.33
C THR A 120 -16.30 1.17 -7.30
N GLU A 121 -15.96 2.43 -7.10
CA GLU A 121 -15.05 3.12 -8.01
C GLU A 121 -13.67 2.48 -7.97
N LEU A 122 -13.18 2.16 -6.78
CA LEU A 122 -11.92 1.50 -6.59
C LEU A 122 -11.94 0.11 -7.23
N ALA A 123 -13.01 -0.66 -7.01
CA ALA A 123 -13.08 -2.01 -7.56
C ALA A 123 -13.12 -1.99 -9.08
N ASN A 124 -13.82 -1.02 -9.68
CA ASN A 124 -13.82 -0.83 -11.12
C ASN A 124 -12.42 -0.46 -11.64
N ALA A 125 -11.75 0.47 -10.96
CA ALA A 125 -10.40 0.85 -11.34
C ALA A 125 -9.45 -0.36 -11.28
N LEU A 126 -9.55 -1.14 -10.20
CA LEU A 126 -8.62 -2.23 -9.95
C LEU A 126 -8.87 -3.41 -10.90
N SER A 127 -10.12 -3.62 -11.28
CA SER A 127 -10.51 -4.64 -12.21
C SER A 127 -9.89 -4.35 -13.58
N TYR A 128 -9.96 -3.07 -14.01
CA TYR A 128 -9.30 -2.63 -15.23
C TYR A 128 -7.80 -2.85 -15.14
N CYS A 129 -7.16 -2.37 -14.06
CA CYS A 129 -5.75 -2.58 -13.84
C CYS A 129 -5.38 -4.07 -13.94
N HIS A 130 -6.10 -4.92 -13.21
CA HIS A 130 -5.74 -6.32 -13.15
C HIS A 130 -5.81 -6.90 -14.57
N SER A 131 -6.78 -6.44 -15.39
CA SER A 131 -6.93 -6.91 -16.75
C SER A 131 -5.74 -6.47 -17.61
N LYS A 132 -5.05 -5.41 -17.22
CA LYS A 132 -3.85 -4.95 -17.89
C LYS A 132 -2.60 -5.53 -17.21
N ARG A 133 -2.77 -6.48 -16.28
CA ARG A 133 -1.68 -7.04 -15.49
C ARG A 133 -0.93 -5.98 -14.70
N VAL A 134 -1.65 -4.94 -14.24
CA VAL A 134 -1.10 -4.00 -13.27
C VAL A 134 -1.73 -4.29 -11.91
N ILE A 135 -0.88 -4.48 -10.90
CA ILE A 135 -1.31 -4.59 -9.52
C ILE A 135 -0.84 -3.32 -8.82
N HIS A 136 -1.73 -2.67 -8.04
CA HIS A 136 -1.37 -1.40 -7.39
C HIS A 136 -0.49 -1.68 -6.18
N ARG A 137 -1.00 -2.47 -5.23
CA ARG A 137 -0.28 -2.98 -4.06
C ARG A 137 -0.10 -1.95 -2.93
N ASP A 138 -0.61 -0.72 -3.06
CA ASP A 138 -0.28 0.35 -2.13
C ASP A 138 -1.39 1.41 -2.11
N ILE A 139 -2.65 0.97 -2.18
CA ILE A 139 -3.77 1.90 -2.11
C ILE A 139 -4.06 2.22 -0.64
N LYS A 140 -3.98 3.49 -0.33
CA LYS A 140 -4.34 4.01 0.97
C LYS A 140 -4.90 5.40 0.73
N PRO A 141 -5.57 5.97 1.74
CA PRO A 141 -6.34 7.18 1.54
C PRO A 141 -5.55 8.34 0.94
N GLU A 142 -4.26 8.44 1.25
CA GLU A 142 -3.48 9.55 0.76
C GLU A 142 -3.16 9.39 -0.72
N ASN A 143 -3.35 8.20 -1.32
CA ASN A 143 -3.13 7.99 -2.74
C ASN A 143 -4.42 8.02 -3.54
N LEU A 144 -5.52 8.42 -2.89
CA LEU A 144 -6.81 8.52 -3.55
C LEU A 144 -7.19 9.99 -3.60
N LEU A 145 -7.50 10.49 -4.80
CA LEU A 145 -7.90 11.89 -4.99
C LEU A 145 -9.38 11.92 -5.38
N LEU A 146 -9.98 13.11 -5.29
CA LEU A 146 -11.37 13.31 -5.66
C LEU A 146 -11.54 14.33 -6.78
N GLY A 147 -12.32 13.95 -7.79
CA GLY A 147 -12.63 14.75 -8.96
C GLY A 147 -13.75 15.74 -8.68
N SER A 148 -14.21 16.49 -9.70
CA SER A 148 -15.07 17.64 -9.44
C SER A 148 -16.46 17.20 -8.96
N ALA A 149 -16.86 15.97 -9.27
CA ALA A 149 -18.15 15.47 -8.81
C ALA A 149 -17.95 14.56 -7.61
N GLY A 150 -16.78 14.63 -6.98
CA GLY A 150 -16.48 13.80 -5.84
C GLY A 150 -16.10 12.35 -6.22
N GLU A 151 -15.75 12.10 -7.48
CA GLU A 151 -15.46 10.75 -7.93
C GLU A 151 -14.02 10.39 -7.55
N LEU A 152 -13.81 9.13 -7.09
CA LEU A 152 -12.51 8.68 -6.65
C LEU A 152 -11.58 8.50 -7.84
N LYS A 153 -10.31 8.91 -7.64
CA LYS A 153 -9.26 8.73 -8.63
C LYS A 153 -8.05 8.15 -7.93
N ILE A 154 -7.62 6.95 -8.37
CA ILE A 154 -6.40 6.37 -7.87
C ILE A 154 -5.26 7.19 -8.45
N ALA A 155 -4.30 7.58 -7.62
CA ALA A 155 -3.28 8.51 -8.05
C ALA A 155 -1.97 7.82 -8.44
N ASP A 156 -1.40 6.98 -7.57
CA ASP A 156 0.01 6.61 -7.68
C ASP A 156 0.20 5.25 -8.33
N PHE A 157 0.97 5.21 -9.43
CA PHE A 157 1.40 3.94 -10.01
C PHE A 157 2.92 3.92 -10.09
N THR A 170 12.80 -2.60 -1.87
CA THR A 170 12.62 -3.46 -0.67
C THR A 170 11.65 -2.85 0.36
N LEU A 171 11.23 -1.57 0.17
CA LEU A 171 10.08 -1.03 0.91
C LEU A 171 8.81 -1.70 0.40
N ALA A 172 8.18 -2.52 1.26
CA ALA A 172 7.01 -3.29 0.84
C ALA A 172 5.73 -2.42 0.83
N GLY A 173 5.67 -1.37 1.65
CA GLY A 173 4.45 -0.63 1.87
C GLY A 173 4.26 -0.19 3.32
N THR A 174 3.03 0.27 3.63
CA THR A 174 2.63 0.74 4.95
C THR A 174 1.95 -0.42 5.66
N LEU A 175 2.48 -0.77 6.83
CA LEU A 175 2.15 -2.01 7.50
C LEU A 175 0.64 -2.20 7.63
N ASP A 176 -0.08 -1.15 8.07
CA ASP A 176 -1.52 -1.23 8.36
C ASP A 176 -2.36 -1.66 7.16
N TYR A 177 -1.81 -1.52 5.95
CA TYR A 177 -2.53 -1.75 4.71
C TYR A 177 -2.09 -3.03 4.03
N LEU A 178 -1.09 -3.74 4.59
CA LEU A 178 -0.53 -4.88 3.90
C LEU A 178 -1.21 -6.16 4.36
N PRO A 179 -1.38 -7.11 3.42
CA PRO A 179 -1.90 -8.43 3.75
C PRO A 179 -0.91 -9.41 4.35
N PRO A 180 -1.42 -10.51 4.95
CA PRO A 180 -0.59 -11.49 5.65
C PRO A 180 0.51 -12.01 4.73
N GLU A 181 0.19 -12.32 3.47
CA GLU A 181 1.17 -12.93 2.57
C GLU A 181 2.36 -12.00 2.30
N MET A 182 2.13 -10.68 2.31
CA MET A 182 3.21 -9.75 2.10
C MET A 182 4.02 -9.58 3.39
N ILE A 183 3.35 -9.36 4.54
CA ILE A 183 4.10 -9.06 5.74
C ILE A 183 4.91 -10.28 6.20
N GLU A 184 4.48 -11.49 5.84
CA GLU A 184 5.13 -12.73 6.24
C GLU A 184 6.13 -13.23 5.19
N GLY A 185 6.33 -12.46 4.11
CA GLY A 185 7.42 -12.68 3.18
C GLY A 185 7.12 -13.84 2.24
N ARG A 186 5.82 -14.12 2.05
CA ARG A 186 5.41 -15.17 1.13
C ARG A 186 5.13 -14.56 -0.24
N MET A 187 4.81 -15.42 -1.20
CA MET A 187 4.50 -14.93 -2.53
C MET A 187 3.08 -14.35 -2.49
N HIS A 188 2.85 -13.41 -3.41
CA HIS A 188 1.60 -12.67 -3.50
C HIS A 188 1.32 -12.34 -4.97
N ASP A 189 0.08 -11.96 -5.22
CA ASP A 189 -0.40 -11.69 -6.56
C ASP A 189 -1.50 -10.64 -6.44
N GLU A 190 -2.37 -10.57 -7.46
CA GLU A 190 -3.37 -9.50 -7.54
C GLU A 190 -4.36 -9.53 -6.36
N LYS A 191 -4.43 -10.62 -5.60
CA LYS A 191 -5.36 -10.76 -4.48
C LYS A 191 -5.00 -9.81 -3.33
N VAL A 192 -3.77 -9.27 -3.35
CA VAL A 192 -3.36 -8.27 -2.38
C VAL A 192 -4.26 -7.02 -2.45
N ASP A 193 -4.70 -6.63 -3.65
CA ASP A 193 -5.52 -5.46 -3.81
C ASP A 193 -6.92 -5.67 -3.21
N LEU A 194 -7.43 -6.91 -3.21
CA LEU A 194 -8.67 -7.27 -2.55
C LEU A 194 -8.53 -7.07 -1.03
N TRP A 195 -7.41 -7.50 -0.44
CA TRP A 195 -7.19 -7.24 0.98
C TRP A 195 -7.25 -5.75 1.27
N SER A 196 -6.54 -4.95 0.46
CA SER A 196 -6.49 -3.50 0.59
C SER A 196 -7.88 -2.89 0.55
N LEU A 197 -8.73 -3.42 -0.33
CA LEU A 197 -10.07 -2.91 -0.46
C LEU A 197 -10.83 -3.12 0.85
N GLY A 198 -10.58 -4.28 1.46
CA GLY A 198 -11.17 -4.59 2.74
C GLY A 198 -10.73 -3.60 3.83
N VAL A 199 -9.42 -3.38 3.91
CA VAL A 199 -8.90 -2.43 4.89
C VAL A 199 -9.50 -1.05 4.68
N LEU A 200 -9.53 -0.60 3.43
CA LEU A 200 -10.04 0.72 3.08
C LEU A 200 -11.51 0.86 3.43
N CYS A 201 -12.33 -0.14 3.08
CA CYS A 201 -13.75 -0.09 3.39
C CYS A 201 -13.96 0.09 4.90
N TYR A 202 -13.18 -0.67 5.68
CA TYR A 202 -13.29 -0.62 7.12
C TYR A 202 -12.87 0.78 7.63
N GLU A 203 -11.73 1.27 7.14
CA GLU A 203 -11.21 2.58 7.54
C GLU A 203 -12.17 3.71 7.18
N PHE A 204 -12.73 3.66 5.97
CA PHE A 204 -13.76 4.61 5.59
C PHE A 204 -14.91 4.62 6.58
N LEU A 205 -15.44 3.46 6.94
CA LEU A 205 -16.61 3.41 7.81
C LEU A 205 -16.25 3.75 9.27
N VAL A 206 -15.06 3.37 9.70
CA VAL A 206 -14.75 3.37 11.12
C VAL A 206 -13.88 4.58 11.46
N GLY A 207 -12.96 4.94 10.59
CA GLY A 207 -12.15 6.11 10.82
C GLY A 207 -10.71 5.72 11.14
N LYS A 208 -10.47 4.42 11.28
CA LYS A 208 -9.11 3.92 11.41
C LYS A 208 -9.06 2.53 10.79
N PRO A 209 -7.89 2.06 10.32
CA PRO A 209 -7.80 0.74 9.74
C PRO A 209 -7.90 -0.33 10.82
N PRO A 210 -8.31 -1.55 10.44
CA PRO A 210 -8.77 -2.55 11.40
C PRO A 210 -7.70 -3.12 12.31
N PHE A 211 -6.44 -3.11 11.85
CA PHE A 211 -5.37 -3.71 12.64
C PHE A 211 -4.50 -2.65 13.35
N GLU A 212 -4.97 -1.40 13.39
CA GLU A 212 -4.24 -0.32 14.03
C GLU A 212 -3.92 -0.69 15.48
N ALA A 213 -2.70 -0.36 15.92
CA ALA A 213 -2.25 -0.67 17.27
C ALA A 213 -1.21 0.37 17.68
N ASN A 214 -0.78 0.32 18.95
CA ASN A 214 0.20 1.27 19.48
C ASN A 214 1.62 0.83 19.14
N THR A 215 1.82 -0.42 18.77
CA THR A 215 3.11 -0.84 18.28
C THR A 215 2.92 -1.47 16.92
N TYR A 216 4.01 -1.44 16.15
CA TYR A 216 4.03 -2.17 14.90
C TYR A 216 4.07 -3.67 15.16
N GLN A 217 4.65 -4.12 16.30
CA GLN A 217 4.69 -5.53 16.63
C GLN A 217 3.27 -6.11 16.77
N GLU A 218 2.40 -5.37 17.43
CA GLU A 218 1.03 -5.75 17.63
C GLU A 218 0.25 -5.72 16.30
N THR A 219 0.45 -4.69 15.49
CA THR A 219 -0.20 -4.60 14.19
C THR A 219 0.18 -5.80 13.35
N TYR A 220 1.46 -6.14 13.35
CA TYR A 220 1.94 -7.27 12.60
C TYR A 220 1.20 -8.54 13.00
N LYS A 221 1.09 -8.75 14.30
CA LYS A 221 0.45 -9.96 14.82
C LYS A 221 -1.04 -10.00 14.47
N ARG A 222 -1.73 -8.87 14.60
CA ARG A 222 -3.16 -8.83 14.32
C ARG A 222 -3.41 -9.16 12.84
N ILE A 223 -2.58 -8.62 11.94
CA ILE A 223 -2.73 -8.90 10.52
C ILE A 223 -2.49 -10.38 10.27
N SER A 224 -1.38 -10.92 10.83
CA SER A 224 -0.98 -12.27 10.50
C SER A 224 -2.06 -13.25 10.94
N ARG A 225 -2.80 -12.91 12.02
CA ARG A 225 -3.84 -13.75 12.58
CA ARG A 225 -3.84 -13.80 12.52
C ARG A 225 -5.25 -13.30 12.15
N VAL A 226 -5.32 -12.31 11.27
CA VAL A 226 -6.55 -11.64 10.85
C VAL A 226 -7.48 -11.40 12.04
N GLU A 227 -6.96 -10.74 13.08
CA GLU A 227 -7.74 -10.47 14.26
C GLU A 227 -8.18 -9.00 14.23
N PHE A 228 -9.47 -8.80 13.99
CA PHE A 228 -10.07 -7.49 13.99
C PHE A 228 -11.54 -7.64 14.33
N THR A 229 -12.13 -6.55 14.81
CA THR A 229 -13.53 -6.49 15.15
C THR A 229 -14.09 -5.18 14.63
N PHE A 230 -15.42 -5.10 14.62
CA PHE A 230 -16.16 -3.94 14.16
C PHE A 230 -16.82 -3.22 15.32
N PRO A 231 -16.84 -1.88 15.31
CA PRO A 231 -17.73 -1.17 16.22
C PRO A 231 -19.18 -1.45 15.86
N ASP A 232 -20.04 -1.13 16.82
CA ASP A 232 -21.39 -1.64 16.78
C ASP A 232 -22.23 -0.89 15.73
N PHE A 233 -21.80 0.28 15.26
CA PHE A 233 -22.55 0.95 14.20
C PHE A 233 -22.26 0.34 12.82
N VAL A 234 -21.30 -0.60 12.68
CA VAL A 234 -21.05 -1.10 11.32
C VAL A 234 -22.14 -2.12 11.00
N THR A 235 -22.82 -1.99 9.85
CA THR A 235 -24.00 -2.82 9.58
C THR A 235 -23.61 -4.23 9.11
N GLU A 236 -24.59 -5.12 9.13
CA GLU A 236 -24.42 -6.52 8.78
C GLU A 236 -23.85 -6.68 7.37
N GLY A 237 -24.36 -5.87 6.42
CA GLY A 237 -23.93 -5.91 5.03
C GLY A 237 -22.45 -5.52 4.87
N ALA A 238 -22.07 -4.43 5.50
CA ALA A 238 -20.69 -3.97 5.48
C ALA A 238 -19.78 -5.03 6.10
N ARG A 239 -20.22 -5.62 7.22
CA ARG A 239 -19.42 -6.61 7.90
C ARG A 239 -19.21 -7.81 6.99
N ASP A 240 -20.28 -8.20 6.32
CA ASP A 240 -20.19 -9.33 5.42
C ASP A 240 -19.17 -9.08 4.31
N LEU A 241 -19.15 -7.88 3.73
CA LEU A 241 -18.22 -7.61 2.64
C LEU A 241 -16.79 -7.56 3.14
N ILE A 242 -16.54 -6.84 4.25
CA ILE A 242 -15.17 -6.66 4.73
C ILE A 242 -14.58 -8.01 5.16
N SER A 243 -15.37 -8.84 5.86
CA SER A 243 -14.98 -10.17 6.31
C SER A 243 -14.62 -11.11 5.14
N ARG A 244 -15.29 -10.96 4.00
CA ARG A 244 -14.91 -11.71 2.80
C ARG A 244 -13.58 -11.21 2.24
N LEU A 245 -13.38 -9.89 2.28
CA LEU A 245 -12.17 -9.31 1.72
C LEU A 245 -10.93 -9.61 2.56
N LEU A 246 -11.09 -9.62 3.89
CA LEU A 246 -9.97 -9.76 4.81
C LEU A 246 -9.77 -11.23 5.21
N LYS A 247 -9.69 -12.12 4.22
CA LYS A 247 -9.43 -13.52 4.46
C LYS A 247 -7.93 -13.71 4.43
N HIS A 248 -7.43 -14.56 5.34
CA HIS A 248 -6.02 -14.88 5.42
C HIS A 248 -5.59 -15.50 4.09
N ASN A 249 -6.30 -16.54 3.67
CA ASN A 249 -6.00 -17.19 2.41
C ASN A 249 -6.41 -16.34 1.19
N PRO A 250 -5.47 -15.86 0.36
CA PRO A 250 -5.80 -15.01 -0.79
C PRO A 250 -6.84 -15.63 -1.72
N SER A 251 -6.75 -16.96 -1.89
CA SER A 251 -7.64 -17.75 -2.72
C SER A 251 -9.08 -17.59 -2.32
N GLN A 252 -9.33 -17.37 -1.02
CA GLN A 252 -10.70 -17.32 -0.58
C GLN A 252 -11.28 -15.91 -0.65
N ARG A 253 -10.50 -14.92 -1.06
CA ARG A 253 -11.02 -13.56 -1.11
C ARG A 253 -11.84 -13.40 -2.39
N PRO A 254 -12.89 -12.56 -2.44
CA PRO A 254 -13.74 -12.46 -3.63
C PRO A 254 -12.95 -11.97 -4.84
N MET A 255 -13.51 -12.23 -6.02
CA MET A 255 -13.14 -11.51 -7.22
C MET A 255 -13.68 -10.09 -7.09
N LEU A 256 -13.04 -9.14 -7.80
CA LEU A 256 -13.55 -7.79 -7.87
C LEU A 256 -14.99 -7.73 -8.39
N ARG A 257 -15.36 -8.58 -9.34
CA ARG A 257 -16.72 -8.53 -9.87
C ARG A 257 -17.71 -8.95 -8.80
N GLU A 258 -17.29 -9.81 -7.87
CA GLU A 258 -18.18 -10.18 -6.76
C GLU A 258 -18.32 -9.05 -5.75
N VAL A 259 -17.33 -8.14 -5.63
CA VAL A 259 -17.50 -6.95 -4.81
C VAL A 259 -18.57 -6.03 -5.39
N LEU A 260 -18.51 -5.85 -6.71
CA LEU A 260 -19.37 -4.91 -7.44
C LEU A 260 -20.82 -5.33 -7.37
N GLU A 261 -21.08 -6.61 -7.13
CA GLU A 261 -22.43 -7.09 -7.06
C GLU A 261 -22.79 -7.46 -5.62
N HIS A 262 -21.94 -7.16 -4.64
CA HIS A 262 -22.27 -7.48 -3.26
C HIS A 262 -23.51 -6.68 -2.84
N PRO A 263 -24.49 -7.27 -2.13
CA PRO A 263 -25.74 -6.59 -1.80
C PRO A 263 -25.60 -5.24 -1.07
N TRP A 264 -24.58 -5.12 -0.22
CA TRP A 264 -24.34 -3.88 0.48
C TRP A 264 -23.85 -2.81 -0.48
N ILE A 265 -23.05 -3.22 -1.48
CA ILE A 265 -22.57 -2.30 -2.49
C ILE A 265 -23.73 -1.82 -3.36
N THR A 266 -24.58 -2.72 -3.82
CA THR A 266 -25.65 -2.32 -4.73
C THR A 266 -26.72 -1.50 -3.99
N ALA A 267 -26.99 -1.82 -2.72
CA ALA A 267 -27.95 -1.04 -1.95
C ALA A 267 -27.45 0.38 -1.66
N ASN A 268 -26.12 0.60 -1.55
CA ASN A 268 -25.62 1.86 -1.01
C ASN A 268 -24.86 2.74 -2.00
N SER A 269 -24.30 2.18 -3.05
CA SER A 269 -23.41 2.93 -3.94
C SER A 269 -24.22 3.89 -4.81
N SER A 270 -23.65 5.05 -5.14
CA SER A 270 -24.18 5.95 -6.14
C SER A 270 -23.68 5.57 -7.51
N LYS A 271 -24.46 5.91 -8.53
CA LYS A 271 -24.08 5.61 -9.90
C LYS A 271 -23.32 6.83 -10.45
N PRO A 272 -22.27 6.67 -11.29
CA PRO A 272 -21.46 7.80 -11.76
C PRO A 272 -22.33 8.95 -12.26
N SER A 273 -22.05 10.16 -11.76
CA SER A 273 -22.75 11.38 -12.13
C SER A 273 -23.21 11.35 -13.60
N SER B 5 25.73 -12.75 3.67
CA SER B 5 26.23 -13.84 4.65
C SER B 5 26.82 -13.53 6.07
N LEU B 6 27.24 -12.31 6.43
CA LEU B 6 27.89 -12.09 7.74
C LEU B 6 26.89 -11.74 8.85
N GLU B 7 26.35 -10.51 8.78
CA GLU B 7 25.44 -9.97 9.80
C GLU B 7 24.19 -10.85 9.91
N ILE B 8 23.82 -11.48 8.79
CA ILE B 8 22.73 -12.44 8.71
C ILE B 8 22.98 -13.59 9.69
N GLU B 9 24.11 -14.29 9.52
CA GLU B 9 24.47 -15.46 10.31
C GLU B 9 24.36 -15.13 11.81
N GLU B 10 24.86 -13.95 12.19
CA GLU B 10 24.71 -13.44 13.55
C GLU B 10 23.24 -13.37 13.94
N LEU B 11 22.43 -12.76 13.07
CA LEU B 11 21.02 -12.50 13.31
C LEU B 11 20.30 -13.80 13.65
N ALA B 12 20.65 -14.85 12.91
CA ALA B 12 20.17 -16.21 13.09
C ALA B 12 20.55 -16.73 14.47
N ARG B 13 21.82 -16.57 14.85
CA ARG B 13 22.30 -16.91 16.19
C ARG B 13 21.46 -16.16 17.22
N PHE B 14 21.20 -14.87 16.99
CA PHE B 14 20.33 -14.13 17.90
C PHE B 14 18.90 -14.72 17.93
N ALA B 15 18.36 -15.14 16.80
CA ALA B 15 16.97 -15.62 16.78
C ALA B 15 16.87 -16.87 17.65
N VAL B 16 17.82 -17.79 17.47
CA VAL B 16 17.89 -19.05 18.19
C VAL B 16 17.98 -18.78 19.70
N ASP B 17 18.85 -17.84 20.09
CA ASP B 17 18.95 -17.48 21.50
C ASP B 17 17.64 -16.94 22.06
N GLU B 18 16.91 -16.12 21.28
CA GLU B 18 15.69 -15.52 21.80
C GLU B 18 14.61 -16.59 21.94
N HIS B 19 14.59 -17.54 21.00
CA HIS B 19 13.69 -18.68 21.07
C HIS B 19 13.97 -19.49 22.33
N ASN B 20 15.26 -19.80 22.57
CA ASN B 20 15.67 -20.56 23.75
C ASN B 20 15.19 -19.87 25.02
N LYS B 21 15.31 -18.56 25.09
CA LYS B 21 14.81 -17.84 26.27
C LYS B 21 13.28 -17.87 26.38
N LYS B 22 12.57 -17.61 25.30
CA LYS B 22 11.12 -17.53 25.33
C LYS B 22 10.48 -18.90 25.62
N GLU B 23 11.04 -19.98 25.07
CA GLU B 23 10.42 -21.27 25.15
C GLU B 23 11.16 -22.21 26.12
N ASN B 24 12.16 -21.71 26.84
CA ASN B 24 12.90 -22.55 27.77
C ASN B 24 13.55 -23.71 27.04
N ALA B 25 14.16 -23.42 25.87
CA ALA B 25 14.70 -24.49 25.05
C ALA B 25 16.23 -24.38 24.98
N LEU B 26 16.84 -25.38 24.30
CA LEU B 26 18.29 -25.51 24.19
C LEU B 26 18.69 -25.78 22.74
N LEU B 27 18.09 -25.08 21.78
CA LEU B 27 18.44 -25.29 20.37
C LEU B 27 19.89 -24.83 20.14
N GLU B 28 20.61 -25.60 19.32
CA GLU B 28 21.97 -25.29 18.92
C GLU B 28 21.94 -24.89 17.44
N PHE B 29 22.52 -23.73 17.13
CA PHE B 29 22.51 -23.21 15.76
C PHE B 29 23.46 -24.02 14.84
N VAL B 30 23.04 -24.29 13.60
CA VAL B 30 23.87 -24.99 12.62
C VAL B 30 24.31 -24.05 11.48
N ARG B 31 23.36 -23.53 10.70
CA ARG B 31 23.66 -22.71 9.52
C ARG B 31 22.40 -21.99 9.04
N VAL B 32 22.58 -20.99 8.15
CA VAL B 32 21.49 -20.29 7.49
C VAL B 32 21.25 -20.95 6.13
N VAL B 33 20.03 -21.43 5.88
CA VAL B 33 19.66 -21.97 4.57
C VAL B 33 19.36 -20.82 3.61
N LYS B 34 18.43 -19.93 4.00
CA LYS B 34 17.90 -18.90 3.12
C LYS B 34 17.64 -17.67 3.99
N ALA B 35 17.62 -16.49 3.36
CA ALA B 35 17.43 -15.24 4.09
C ALA B 35 16.89 -14.14 3.16
N LYS B 36 15.87 -13.40 3.62
CA LYS B 36 15.29 -12.27 2.90
C LYS B 36 15.13 -11.10 3.85
N GLU B 37 15.04 -9.89 3.31
CA GLU B 37 14.58 -8.75 4.10
C GLU B 37 13.50 -7.96 3.35
N GLN B 38 12.65 -7.28 4.12
CA GLN B 38 11.69 -6.32 3.61
C GLN B 38 11.67 -5.16 4.58
N MET B 39 11.31 -3.98 4.10
CA MET B 39 11.08 -2.85 4.99
C MET B 39 9.62 -2.41 4.96
N PHE B 40 9.12 -1.93 6.09
CA PHE B 40 7.77 -1.46 6.23
C PHE B 40 7.83 -0.07 6.81
N GLN B 41 6.88 0.76 6.41
CA GLN B 41 6.61 1.99 7.12
C GLN B 41 5.44 1.79 8.09
N TRP B 42 5.59 2.37 9.29
CA TRP B 42 4.57 2.39 10.31
C TRP B 42 4.60 3.78 10.92
N ARG B 43 3.47 4.49 10.84
CA ARG B 43 3.45 5.89 11.23
C ARG B 43 4.59 6.59 10.50
N VAL B 44 5.48 7.27 11.26
CA VAL B 44 6.52 8.12 10.69
C VAL B 44 7.86 7.39 10.64
N GLU B 45 7.89 6.09 10.96
CA GLU B 45 9.15 5.37 11.00
C GLU B 45 9.15 4.24 9.97
N PHE B 46 10.30 3.57 9.90
CA PHE B 46 10.58 2.48 8.98
C PHE B 46 11.18 1.33 9.77
N ILE B 47 10.77 0.09 9.49
CA ILE B 47 11.31 -1.08 10.20
C ILE B 47 11.60 -2.14 9.15
N THR B 48 12.73 -2.83 9.36
CA THR B 48 13.05 -3.95 8.50
C THR B 48 12.72 -5.24 9.24
N MET B 49 12.36 -6.26 8.47
CA MET B 49 12.21 -7.58 8.99
C MET B 49 13.04 -8.49 8.12
N TYR B 50 13.81 -9.36 8.79
CA TYR B 50 14.54 -10.45 8.18
C TYR B 50 13.74 -11.74 8.30
N TYR B 51 13.73 -12.51 7.23
CA TYR B 51 13.12 -13.82 7.15
C TYR B 51 14.24 -14.84 6.95
N LEU B 52 14.55 -15.62 8.00
CA LEU B 52 15.65 -16.57 7.96
C LEU B 52 15.14 -17.99 8.02
N THR B 53 15.58 -18.84 7.08
CA THR B 53 15.37 -20.26 7.21
C THR B 53 16.69 -20.83 7.70
N LEU B 54 16.67 -21.44 8.90
CA LEU B 54 17.90 -21.97 9.50
C LEU B 54 17.70 -23.44 9.90
N GLU B 55 18.83 -24.17 9.87
CA GLU B 55 18.93 -25.48 10.49
C GLU B 55 19.45 -25.26 11.92
N ALA B 56 18.82 -25.97 12.86
CA ALA B 56 19.36 -26.05 14.22
C ALA B 56 19.06 -27.45 14.78
N LYS B 57 19.82 -27.83 15.82
CA LYS B 57 19.72 -29.16 16.43
C LYS B 57 18.81 -29.08 17.65
N ASP B 58 17.75 -29.89 17.63
CA ASP B 58 16.86 -30.07 18.76
C ASP B 58 17.10 -31.48 19.31
N GLY B 59 17.77 -31.56 20.47
CA GLY B 59 18.11 -32.83 21.07
C GLY B 59 18.97 -33.68 20.12
N GLY B 60 19.85 -33.00 19.37
CA GLY B 60 20.79 -33.67 18.48
C GLY B 60 20.32 -33.75 17.03
N LYS B 61 19.00 -33.63 16.78
CA LYS B 61 18.45 -33.87 15.44
C LYS B 61 18.33 -32.55 14.68
N LYS B 62 18.93 -32.48 13.48
CA LYS B 62 18.94 -31.26 12.66
C LYS B 62 17.53 -30.97 12.14
N LYS B 63 17.06 -29.73 12.36
CA LYS B 63 15.73 -29.32 11.92
C LYS B 63 15.79 -27.94 11.29
N LEU B 64 14.75 -27.67 10.51
CA LEU B 64 14.63 -26.43 9.76
C LEU B 64 13.67 -25.49 10.47
N TYR B 65 14.10 -24.26 10.75
CA TYR B 65 13.24 -23.25 11.35
C TYR B 65 13.19 -22.00 10.47
N GLU B 66 12.09 -21.24 10.59
CA GLU B 66 11.96 -19.90 10.03
C GLU B 66 11.82 -18.90 11.16
N ALA B 67 12.71 -17.92 11.17
CA ALA B 67 12.61 -16.86 12.15
C ALA B 67 12.27 -15.58 11.41
N LYS B 68 11.54 -14.71 12.09
CA LYS B 68 11.30 -13.36 11.61
C LYS B 68 11.82 -12.46 12.69
N VAL B 69 12.72 -11.54 12.30
CA VAL B 69 13.38 -10.64 13.22
C VAL B 69 13.22 -9.21 12.74
N TRP B 70 12.78 -8.35 13.66
CA TRP B 70 12.77 -6.91 13.44
C TRP B 70 14.17 -6.34 13.68
N VAL B 71 14.61 -5.49 12.75
CA VAL B 71 15.90 -4.82 12.81
C VAL B 71 15.75 -3.35 12.45
N LYS B 72 16.16 -2.47 13.37
CA LYS B 72 16.31 -1.04 13.14
C LYS B 72 17.80 -0.76 13.32
N ALA B 73 18.59 -0.99 12.26
CA ALA B 73 20.06 -0.92 12.30
C ALA B 73 20.56 0.35 13.00
N ALA B 74 19.85 1.48 12.83
CA ALA B 74 20.24 2.78 13.37
C ALA B 74 20.40 2.77 14.89
N GLU B 75 19.47 2.13 15.62
CA GLU B 75 19.46 2.19 17.08
C GLU B 75 19.89 0.86 17.68
N ASN B 76 20.76 0.12 16.96
CA ASN B 76 21.26 -1.17 17.43
C ASN B 76 20.09 -1.99 17.99
N PHE B 77 19.02 -2.09 17.21
CA PHE B 77 17.80 -2.73 17.70
C PHE B 77 17.54 -4.00 16.90
N LYS B 78 17.14 -5.03 17.62
CA LYS B 78 16.70 -6.27 16.99
C LYS B 78 15.72 -6.96 17.93
N GLU B 79 14.78 -7.74 17.35
CA GLU B 79 13.73 -8.31 18.18
C GLU B 79 13.09 -9.46 17.42
N LEU B 80 13.00 -10.61 18.11
CA LEU B 80 12.40 -11.79 17.51
C LEU B 80 10.90 -11.53 17.43
N GLN B 81 10.32 -11.72 16.23
CA GLN B 81 8.88 -11.66 16.09
C GLN B 81 8.35 -13.07 16.19
N GLU B 82 8.96 -14.02 15.49
CA GLU B 82 8.42 -15.36 15.44
C GLU B 82 9.53 -16.33 15.11
N PHE B 83 9.35 -17.57 15.55
CA PHE B 83 10.33 -18.61 15.36
C PHE B 83 9.61 -19.94 15.33
N LYS B 84 9.62 -20.63 14.19
CA LYS B 84 8.73 -21.76 13.96
C LYS B 84 9.47 -22.87 13.22
N PRO B 85 9.18 -24.16 13.52
CA PRO B 85 9.65 -25.27 12.68
C PRO B 85 8.99 -25.15 11.32
N VAL B 86 9.75 -25.43 10.25
CA VAL B 86 9.22 -25.30 8.89
C VAL B 86 8.13 -26.36 8.66
#